data_2ABA
#
_entry.id   2ABA
#
_cell.length_a   58.233
_cell.length_b   68.636
_cell.length_c   88.440
_cell.angle_alpha   90.00
_cell.angle_beta   90.00
_cell.angle_gamma   90.00
#
_symmetry.space_group_name_H-M   'P 21 21 21'
#
loop_
_entity.id
_entity.type
_entity.pdbx_description
1 polymer 'pentaerythritol tetranitrate reductase'
2 non-polymer 'FLAVIN MONONUCLEOTIDE'
3 non-polymer PROGESTERONE
4 non-polymer 'ISOPROPYL ALCOHOL'
5 water water
#
_entity_poly.entity_id   1
_entity_poly.type   'polypeptide(L)'
_entity_poly.pdbx_seq_one_letter_code
;SAEKLFTPLKVGAVTAPNRVFMAPLTRLRSIEPGDIPTPLMGEYYRQRASAGLIISEATQISAQAKGYAGAPGLHSPEQI
AAWKKITAGVHAEDGRIAVQLWHTGRISHSSIQPGGQAPVSASALNANTRTSLRDENGNAIRVDTTTPRALELDEIPGIV
NDFRQAVANAREAGFDLVELHSAHGYLLHQFLSPSSNQRTDQYGGSVENRARLVLEVVDAVCNEWSADRIGIRVSPIGTF
QNVDNGPNEEADALYLIEELAKRGIAYLHMSETDLAGGKPYSEAFRQKVRERFHGVIIGAGAYTAEKAEDLIGKGLIDAV
AFGRDYIANPDLVARLQKKAELNPQRPESFYGGGAEGYTDYPSL
;
_entity_poly.pdbx_strand_id   A
#
# COMPACT_ATOMS: atom_id res chain seq x y z
N GLU A 3 6.27 7.12 26.43
CA GLU A 3 7.13 6.96 25.22
C GLU A 3 6.53 7.70 24.02
N LYS A 4 7.40 8.16 23.12
CA LYS A 4 6.96 8.97 21.97
C LYS A 4 6.01 8.18 21.07
N LEU A 5 6.14 6.85 21.09
CA LEU A 5 5.27 5.98 20.29
CA LEU A 5 5.27 5.98 20.29
C LEU A 5 3.80 6.20 20.61
N PHE A 6 3.51 6.65 21.83
CA PHE A 6 2.13 6.77 22.29
C PHE A 6 1.69 8.21 22.41
N THR A 7 2.30 9.08 21.61
CA THR A 7 1.93 10.49 21.57
C THR A 7 1.25 10.81 20.25
N PRO A 8 0.38 11.82 20.24
CA PRO A 8 -0.35 12.16 19.02
C PRO A 8 0.52 12.73 17.89
N LEU A 9 -0.05 12.66 16.70
CA LEU A 9 0.61 13.08 15.47
C LEU A 9 -0.45 13.58 14.51
N LYS A 10 -0.30 14.78 13.99
CA LYS A 10 -1.18 15.26 12.93
C LYS A 10 -0.77 14.58 11.63
N VAL A 11 -1.72 13.92 10.96
CA VAL A 11 -1.45 13.26 9.68
C VAL A 11 -2.45 13.80 8.66
N GLY A 12 -2.05 14.83 7.93
CA GLY A 12 -2.96 15.49 7.01
C GLY A 12 -4.21 15.92 7.75
N ALA A 13 -5.36 15.49 7.23
CA ALA A 13 -6.65 15.90 7.72
C ALA A 13 -7.11 15.25 9.02
N VAL A 14 -6.35 14.30 9.56
CA VAL A 14 -6.73 13.68 10.83
C VAL A 14 -5.59 13.75 11.84
N THR A 15 -5.92 13.41 13.08
CA THR A 15 -4.92 13.36 14.15
C THR A 15 -4.89 11.94 14.69
N ALA A 16 -3.74 11.30 14.56
CA ALA A 16 -3.52 9.98 15.16
C ALA A 16 -3.18 10.15 16.64
N PRO A 17 -3.78 9.37 17.52
CA PRO A 17 -3.47 9.47 18.96
C PRO A 17 -2.17 8.78 19.38
N ASN A 18 -1.58 8.01 18.47
CA ASN A 18 -0.33 7.32 18.73
C ASN A 18 0.35 7.10 17.38
N ARG A 19 1.58 6.59 17.42
CA ARG A 19 2.44 6.44 16.23
C ARG A 19 2.53 4.97 15.76
N VAL A 20 1.65 4.11 16.29
CA VAL A 20 1.64 2.69 15.99
C VAL A 20 0.58 2.47 14.91
N PHE A 21 1.03 2.33 13.67
CA PHE A 21 0.12 2.23 12.55
C PHE A 21 0.02 0.78 12.08
N MET A 22 -1.12 0.45 11.50
CA MET A 22 -1.33 -0.86 10.90
C MET A 22 -0.97 -0.74 9.41
N ALA A 23 0.07 -1.45 9.01
CA ALA A 23 0.51 -1.50 7.62
C ALA A 23 -0.56 -2.08 6.71
N PRO A 24 -0.54 -1.72 5.43
CA PRO A 24 -1.43 -2.36 4.46
C PRO A 24 -1.08 -3.84 4.36
N LEU A 25 -2.11 -4.69 4.46
CA LEU A 25 -1.93 -6.14 4.52
C LEU A 25 -2.97 -6.82 3.67
N THR A 26 -2.57 -7.25 2.48
CA THR A 26 -3.38 -8.09 1.61
C THR A 26 -3.68 -9.42 2.32
N ARG A 27 -4.98 -9.75 2.43
CA ARG A 27 -5.41 -10.97 3.12
C ARG A 27 -6.25 -11.88 2.21
N LEU A 28 -6.65 -11.39 1.02
CA LEU A 28 -7.26 -12.21 -0.04
C LEU A 28 -8.49 -12.96 0.43
N ARG A 29 -9.38 -12.26 1.14
CA ARG A 29 -10.60 -12.84 1.68
C ARG A 29 -11.87 -12.18 1.11
N SER A 30 -11.77 -11.41 0.05
CA SER A 30 -12.93 -10.74 -0.52
C SER A 30 -13.80 -11.74 -1.28
N ILE A 31 -15.05 -11.36 -1.49
CA ILE A 31 -16.00 -12.17 -2.27
C ILE A 31 -15.70 -12.05 -3.76
N GLU A 32 -15.70 -13.19 -4.43
CA GLU A 32 -15.79 -13.26 -5.89
C GLU A 32 -17.05 -14.06 -6.24
N PRO A 33 -17.76 -13.69 -7.30
CA PRO A 33 -17.46 -12.55 -8.16
C PRO A 33 -17.72 -11.20 -7.50
N GLY A 34 -16.99 -10.20 -7.96
CA GLY A 34 -17.25 -8.81 -7.60
C GLY A 34 -16.15 -8.14 -6.79
N ASP A 35 -15.20 -8.92 -6.25
CA ASP A 35 -14.07 -8.39 -5.47
C ASP A 35 -14.59 -7.50 -4.33
N ILE A 36 -15.55 -8.05 -3.58
CA ILE A 36 -16.34 -7.27 -2.62
C ILE A 36 -15.85 -7.50 -1.21
N PRO A 37 -15.57 -6.43 -0.47
CA PRO A 37 -15.30 -6.57 0.97
C PRO A 37 -16.46 -7.23 1.69
N THR A 38 -16.14 -7.89 2.80
CA THR A 38 -17.09 -8.68 3.54
C THR A 38 -17.28 -8.20 4.98
N PRO A 39 -18.37 -8.62 5.62
CA PRO A 39 -18.54 -8.40 7.07
C PRO A 39 -17.38 -8.92 7.89
N LEU A 40 -16.79 -10.04 7.50
CA LEU A 40 -15.64 -10.56 8.22
C LEU A 40 -14.47 -9.57 8.17
N MET A 41 -14.22 -9.01 6.99
CA MET A 41 -13.21 -7.98 6.87
C MET A 41 -13.54 -6.78 7.74
N GLY A 42 -14.81 -6.37 7.80
CA GLY A 42 -15.23 -5.28 8.66
C GLY A 42 -14.88 -5.55 10.13
N GLU A 43 -15.11 -6.78 10.58
CA GLU A 43 -14.82 -7.17 11.95
C GLU A 43 -13.32 -7.10 12.22
N TYR A 44 -12.53 -7.64 11.30
CA TYR A 44 -11.07 -7.62 11.41
C TYR A 44 -10.54 -6.20 11.56
N TYR A 45 -11.01 -5.27 10.73
CA TYR A 45 -10.54 -3.89 10.85
C TYR A 45 -11.03 -3.24 12.15
N ARG A 46 -12.27 -3.49 12.54
CA ARG A 46 -12.81 -2.92 13.78
C ARG A 46 -12.00 -3.38 14.99
N GLN A 47 -11.53 -4.64 14.97
CA GLN A 47 -10.73 -5.17 16.07
C GLN A 47 -9.43 -4.39 16.25
N ARG A 48 -8.95 -3.76 15.18
CA ARG A 48 -7.63 -3.09 15.11
C ARG A 48 -7.76 -1.56 15.14
N ALA A 49 -8.96 -1.06 15.49
CA ALA A 49 -9.24 0.37 15.40
C ALA A 49 -8.52 1.24 16.42
N SER A 50 -7.85 0.64 17.41
CA SER A 50 -7.01 1.45 18.29
C SER A 50 -5.69 1.90 17.64
N ALA A 51 -5.35 1.38 16.46
CA ALA A 51 -4.17 1.83 15.72
C ALA A 51 -4.20 3.34 15.56
N GLY A 52 -3.02 3.97 15.61
CA GLY A 52 -2.94 5.38 15.30
C GLY A 52 -3.57 5.68 13.94
N LEU A 53 -3.34 4.79 12.99
CA LEU A 53 -3.95 4.82 11.67
C LEU A 53 -3.96 3.39 11.15
N ILE A 54 -5.10 2.95 10.62
CA ILE A 54 -5.19 1.72 9.84
C ILE A 54 -4.97 2.10 8.39
N ILE A 55 -4.06 1.40 7.72
CA ILE A 55 -3.93 1.47 6.26
C ILE A 55 -4.48 0.15 5.73
N SER A 56 -5.51 0.21 4.90
CA SER A 56 -6.15 -0.99 4.40
C SER A 56 -5.23 -1.82 3.54
N GLU A 57 -5.63 -3.09 3.38
CA GLU A 57 -5.10 -3.93 2.30
C GLU A 57 -5.17 -3.20 0.96
N ALA A 58 -4.22 -3.49 0.07
CA ALA A 58 -4.25 -2.90 -1.25
C ALA A 58 -5.58 -3.22 -1.94
N THR A 59 -6.12 -2.20 -2.59
CA THR A 59 -7.47 -2.24 -3.15
C THR A 59 -7.43 -1.74 -4.59
N GLN A 60 -8.07 -2.49 -5.50
CA GLN A 60 -8.09 -2.11 -6.92
C GLN A 60 -8.78 -0.78 -7.19
N ILE A 61 -8.13 0.00 -8.06
CA ILE A 61 -8.72 1.24 -8.58
C ILE A 61 -9.72 0.97 -9.72
N SER A 62 -9.65 -0.23 -10.29
CA SER A 62 -10.40 -0.61 -11.49
C SER A 62 -10.35 -2.12 -11.59
N ALA A 63 -11.19 -2.70 -12.45
CA ALA A 63 -11.10 -4.13 -12.71
C ALA A 63 -9.76 -4.52 -13.33
N GLN A 64 -9.24 -3.70 -14.23
CA GLN A 64 -7.95 -3.98 -14.86
C GLN A 64 -6.83 -4.04 -13.83
N ALA A 65 -6.96 -3.28 -12.75
CA ALA A 65 -5.96 -3.24 -11.70
C ALA A 65 -5.75 -4.56 -10.99
N LYS A 66 -6.70 -5.50 -11.09
CA LYS A 66 -6.66 -6.73 -10.29
C LYS A 66 -5.49 -7.62 -10.68
N GLY A 67 -4.78 -8.11 -9.68
CA GLY A 67 -3.69 -9.05 -9.85
C GLY A 67 -3.76 -10.30 -8.99
N TYR A 68 -4.63 -10.32 -7.97
CA TYR A 68 -4.77 -11.42 -7.01
C TYR A 68 -6.24 -11.75 -6.85
N ALA A 69 -6.57 -13.03 -6.87
CA ALA A 69 -7.92 -13.44 -6.52
C ALA A 69 -8.16 -13.21 -5.03
N GLY A 70 -9.25 -12.53 -4.69
CA GLY A 70 -9.60 -12.23 -3.32
C GLY A 70 -9.23 -10.84 -2.84
N ALA A 71 -8.51 -10.07 -3.63
CA ALA A 71 -8.21 -8.67 -3.28
C ALA A 71 -9.42 -7.81 -3.63
N PRO A 72 -9.77 -6.86 -2.76
CA PRO A 72 -10.99 -6.06 -2.97
C PRO A 72 -10.75 -4.92 -3.94
N GLY A 73 -11.85 -4.41 -4.51
CA GLY A 73 -11.83 -3.19 -5.29
C GLY A 73 -12.54 -2.03 -4.63
N LEU A 74 -12.36 -0.85 -5.24
CA LEU A 74 -13.07 0.39 -4.85
C LEU A 74 -13.49 1.12 -6.14
N HIS A 75 -14.08 0.36 -7.06
CA HIS A 75 -14.54 0.89 -8.33
C HIS A 75 -16.03 0.65 -8.62
N SER A 76 -16.66 -0.34 -8.01
CA SER A 76 -18.08 -0.65 -8.30
C SER A 76 -18.99 -0.15 -7.20
N PRO A 77 -20.27 0.04 -7.51
CA PRO A 77 -21.23 0.43 -6.47
C PRO A 77 -21.28 -0.57 -5.31
N GLU A 78 -21.19 -1.86 -5.60
CA GLU A 78 -21.28 -2.85 -4.56
C GLU A 78 -20.05 -2.81 -3.64
N GLN A 79 -18.88 -2.56 -4.24
CA GLN A 79 -17.68 -2.39 -3.43
C GLN A 79 -17.78 -1.17 -2.54
N ILE A 80 -18.22 -0.06 -3.10
CA ILE A 80 -18.36 1.18 -2.32
C ILE A 80 -19.32 0.96 -1.14
N ALA A 81 -20.43 0.28 -1.40
CA ALA A 81 -21.42 0.03 -0.35
C ALA A 81 -20.82 -0.80 0.77
N ALA A 82 -20.01 -1.79 0.41
CA ALA A 82 -19.41 -2.66 1.41
C ALA A 82 -18.33 -1.92 2.21
N TRP A 83 -17.50 -1.11 1.54
CA TRP A 83 -16.50 -0.35 2.25
C TRP A 83 -17.12 0.67 3.20
N LYS A 84 -18.29 1.23 2.87
CA LYS A 84 -18.94 2.18 3.80
C LYS A 84 -19.20 1.52 5.13
N LYS A 85 -19.55 0.24 5.13
CA LYS A 85 -19.80 -0.46 6.39
C LYS A 85 -18.52 -0.60 7.19
N ILE A 86 -17.42 -0.87 6.50
CA ILE A 86 -16.13 -1.05 7.15
C ILE A 86 -15.63 0.26 7.74
N THR A 87 -15.69 1.37 7.00
CA THR A 87 -15.24 2.63 7.59
C THR A 87 -16.15 3.03 8.74
N ALA A 88 -17.46 2.80 8.62
CA ALA A 88 -18.37 3.11 9.74
C ALA A 88 -17.97 2.36 10.99
N GLY A 89 -17.62 1.08 10.87
CA GLY A 89 -17.24 0.28 12.02
C GLY A 89 -15.96 0.79 12.67
N VAL A 90 -14.98 1.14 11.86
CA VAL A 90 -13.74 1.70 12.40
C VAL A 90 -14.03 3.02 13.13
N HIS A 91 -14.83 3.88 12.52
CA HIS A 91 -15.16 5.16 13.13
C HIS A 91 -15.98 5.01 14.42
N ALA A 92 -16.78 3.96 14.49
CA ALA A 92 -17.56 3.67 15.70
C ALA A 92 -16.64 3.42 16.89
N GLU A 93 -15.43 2.95 16.61
CA GLU A 93 -14.45 2.71 17.66
CA GLU A 93 -14.41 2.68 17.62
C GLU A 93 -13.43 3.83 17.76
N ASP A 94 -13.71 4.96 17.14
CA ASP A 94 -12.86 6.14 17.16
C ASP A 94 -11.50 5.88 16.49
N GLY A 95 -11.50 5.05 15.45
CA GLY A 95 -10.32 4.82 14.64
C GLY A 95 -10.25 5.74 13.43
N ARG A 96 -9.16 5.60 12.68
CA ARG A 96 -8.91 6.28 11.42
C ARG A 96 -8.44 5.24 10.42
N ILE A 97 -8.93 5.32 9.19
CA ILE A 97 -8.57 4.34 8.17
C ILE A 97 -8.31 5.01 6.82
N ALA A 98 -7.17 4.64 6.25
CA ALA A 98 -6.77 5.01 4.91
C ALA A 98 -7.00 3.81 4.01
N VAL A 99 -7.42 4.06 2.76
CA VAL A 99 -7.48 2.98 1.77
C VAL A 99 -6.21 3.01 0.93
N GLN A 100 -5.49 1.89 0.86
CA GLN A 100 -4.37 1.78 -0.07
C GLN A 100 -4.91 1.39 -1.43
N LEU A 101 -4.55 2.17 -2.46
CA LEU A 101 -5.05 1.99 -3.82
C LEU A 101 -3.93 1.57 -4.75
N TRP A 102 -4.14 0.45 -5.44
CA TRP A 102 -3.15 -0.05 -6.39
C TRP A 102 -3.72 -0.34 -7.76
N HIS A 103 -2.79 -0.38 -8.70
CA HIS A 103 -2.93 -1.12 -9.96
C HIS A 103 -1.77 -2.10 -9.95
N THR A 104 -2.03 -3.39 -10.07
CA THR A 104 -0.95 -4.38 -9.99
C THR A 104 -0.06 -4.45 -11.22
N GLY A 105 -0.51 -3.89 -12.35
CA GLY A 105 0.27 -3.98 -13.57
C GLY A 105 0.64 -5.42 -13.89
N ARG A 106 1.90 -5.65 -14.16
CA ARG A 106 2.34 -6.98 -14.62
C ARG A 106 2.34 -8.05 -13.52
N ILE A 107 2.12 -7.70 -12.25
CA ILE A 107 2.00 -8.74 -11.20
C ILE A 107 0.53 -9.13 -11.16
N SER A 108 0.17 -9.98 -12.12
CA SER A 108 -1.21 -10.35 -12.37
C SER A 108 -1.22 -11.60 -13.25
N HIS A 109 -2.41 -12.07 -13.57
CA HIS A 109 -2.59 -13.26 -14.39
C HIS A 109 -3.75 -13.01 -15.33
N SER A 110 -3.64 -13.49 -16.56
CA SER A 110 -4.68 -13.26 -17.55
C SER A 110 -6.06 -13.75 -17.11
N SER A 111 -6.11 -14.81 -16.31
CA SER A 111 -7.39 -15.42 -15.95
C SER A 111 -8.25 -14.55 -15.03
N ILE A 112 -7.66 -13.50 -14.44
CA ILE A 112 -8.44 -12.55 -13.65
C ILE A 112 -8.46 -11.15 -14.23
N GLN A 113 -7.96 -10.99 -15.45
CA GLN A 113 -8.04 -9.74 -16.18
C GLN A 113 -9.34 -9.65 -16.98
N PRO A 114 -9.79 -8.44 -17.29
CA PRO A 114 -10.95 -8.29 -18.18
C PRO A 114 -10.69 -9.01 -19.51
N GLY A 115 -11.65 -9.81 -19.93
CA GLY A 115 -11.53 -10.53 -21.19
C GLY A 115 -10.55 -11.69 -21.18
N GLY A 116 -9.96 -12.00 -20.04
CA GLY A 116 -8.92 -13.01 -19.97
C GLY A 116 -7.64 -12.64 -20.70
N GLN A 117 -7.39 -11.35 -20.89
CA GLN A 117 -6.26 -10.89 -21.68
C GLN A 117 -5.02 -10.61 -20.81
N ALA A 118 -3.89 -10.41 -21.46
CA ALA A 118 -2.65 -10.11 -20.76
C ALA A 118 -2.80 -8.84 -19.93
N PRO A 119 -2.18 -8.80 -18.75
CA PRO A 119 -2.17 -7.58 -17.94
C PRO A 119 -1.26 -6.53 -18.60
N VAL A 120 -1.32 -5.31 -18.10
CA VAL A 120 -0.59 -4.19 -18.67
C VAL A 120 0.56 -3.74 -17.79
N SER A 121 1.54 -3.10 -18.40
CA SER A 121 2.68 -2.58 -17.68
C SER A 121 3.37 -1.48 -18.48
N ALA A 122 4.47 -0.95 -17.97
CA ALA A 122 5.28 -0.01 -18.72
C ALA A 122 5.87 -0.64 -19.98
N SER A 123 6.35 -1.87 -19.83
CA SER A 123 6.98 -2.62 -20.92
C SER A 123 6.50 -4.08 -20.88
N ALA A 124 6.81 -4.82 -21.94
CA ALA A 124 6.28 -6.17 -22.13
C ALA A 124 7.05 -7.33 -21.52
C ALA A 124 7.32 -7.12 -21.56
N LEU A 125 7.86 -7.09 -20.49
N LEU A 125 7.44 -7.13 -20.25
CA LEU A 125 8.59 -8.18 -19.88
CA LEU A 125 8.48 -7.88 -19.55
C LEU A 125 7.88 -8.70 -18.61
C LEU A 125 7.82 -8.69 -18.45
N ASN A 126 7.97 -10.01 -18.45
CA ASN A 126 7.35 -10.77 -17.36
C ASN A 126 7.95 -10.36 -16.02
N ALA A 127 7.09 -10.28 -14.99
CA ALA A 127 7.51 -9.97 -13.62
C ALA A 127 8.40 -11.03 -13.01
N ASN A 128 8.32 -12.25 -13.51
CA ASN A 128 9.06 -13.38 -12.94
C ASN A 128 8.78 -13.53 -11.44
N THR A 129 7.52 -13.36 -11.07
CA THR A 129 7.02 -13.43 -9.71
C THR A 129 5.82 -14.37 -9.71
N ARG A 130 5.35 -14.71 -8.52
CA ARG A 130 4.12 -15.46 -8.34
CA ARG A 130 4.10 -15.45 -8.39
C ARG A 130 3.02 -14.54 -7.86
N THR A 131 1.82 -14.78 -8.34
CA THR A 131 0.64 -14.18 -7.77
C THR A 131 -0.20 -15.30 -7.11
N SER A 132 -1.34 -14.93 -6.54
CA SER A 132 -2.23 -15.87 -5.87
C SER A 132 -3.59 -15.84 -6.54
N LEU A 133 -4.01 -17.00 -7.05
CA LEU A 133 -5.34 -17.21 -7.61
C LEU A 133 -6.13 -18.04 -6.63
N ARG A 134 -7.36 -18.40 -6.99
CA ARG A 134 -8.16 -19.34 -6.21
C ARG A 134 -8.46 -20.55 -7.05
N ASP A 135 -8.41 -21.72 -6.41
CA ASP A 135 -8.77 -22.96 -7.08
C ASP A 135 -10.30 -23.12 -7.09
N GLU A 136 -10.77 -24.26 -7.57
CA GLU A 136 -12.21 -24.49 -7.74
C GLU A 136 -12.98 -24.55 -6.44
N ASN A 137 -12.28 -24.74 -5.33
CA ASN A 137 -12.87 -24.73 -4.00
C ASN A 137 -12.68 -23.42 -3.24
N GLY A 138 -12.13 -22.41 -3.91
CA GLY A 138 -11.97 -21.08 -3.34
C GLY A 138 -10.71 -20.88 -2.51
N ASN A 139 -9.78 -21.84 -2.57
CA ASN A 139 -8.55 -21.78 -1.80
C ASN A 139 -7.43 -21.07 -2.56
N ALA A 140 -6.61 -20.31 -1.85
CA ALA A 140 -5.50 -19.58 -2.47
C ALA A 140 -4.42 -20.55 -2.99
N ILE A 141 -3.96 -20.29 -4.20
CA ILE A 141 -2.89 -21.05 -4.84
C ILE A 141 -1.89 -20.11 -5.49
N ARG A 142 -0.62 -20.50 -5.52
CA ARG A 142 0.43 -19.68 -6.10
CA ARG A 142 0.45 -19.70 -6.14
C ARG A 142 0.56 -20.04 -7.59
N VAL A 143 0.63 -19.02 -8.43
CA VAL A 143 0.71 -19.19 -9.88
C VAL A 143 1.70 -18.17 -10.46
N ASP A 144 2.42 -18.55 -11.51
CA ASP A 144 3.32 -17.62 -12.20
C ASP A 144 2.54 -16.49 -12.88
N THR A 145 3.10 -15.28 -12.84
CA THR A 145 2.48 -14.13 -13.49
C THR A 145 2.52 -14.26 -15.01
N THR A 146 1.54 -13.65 -15.66
CA THR A 146 1.43 -13.61 -17.11
C THR A 146 2.27 -12.47 -17.69
N THR A 147 2.92 -12.71 -18.83
CA THR A 147 3.69 -11.66 -19.49
C THR A 147 2.76 -10.52 -19.88
N PRO A 148 3.12 -9.29 -19.55
CA PRO A 148 2.23 -8.17 -19.81
C PRO A 148 2.41 -7.61 -21.22
N ARG A 149 1.44 -6.77 -21.58
CA ARG A 149 1.48 -5.89 -22.74
C ARG A 149 1.90 -4.50 -22.28
N ALA A 150 2.77 -3.84 -23.04
CA ALA A 150 3.12 -2.45 -22.77
C ALA A 150 1.95 -1.53 -23.04
N LEU A 151 1.65 -0.64 -22.10
CA LEU A 151 0.62 0.35 -22.32
C LEU A 151 0.96 1.25 -23.50
N GLU A 152 -0.04 1.53 -24.32
CA GLU A 152 0.11 2.54 -25.36
C GLU A 152 0.09 3.89 -24.67
N LEU A 153 0.74 4.86 -25.29
CA LEU A 153 0.71 6.23 -24.78
C LEU A 153 -0.69 6.72 -24.53
N ASP A 154 -1.61 6.39 -25.45
CA ASP A 154 -2.97 6.86 -25.33
C ASP A 154 -3.80 6.20 -24.24
N GLU A 155 -3.25 5.17 -23.61
CA GLU A 155 -3.90 4.52 -22.47
C GLU A 155 -3.51 5.10 -21.12
N ILE A 156 -2.45 5.89 -21.08
CA ILE A 156 -1.93 6.38 -19.81
C ILE A 156 -2.90 7.35 -19.12
N PRO A 157 -3.54 8.28 -19.84
CA PRO A 157 -4.54 9.13 -19.16
C PRO A 157 -5.65 8.34 -18.49
N GLY A 158 -6.03 7.20 -19.04
CA GLY A 158 -7.08 6.38 -18.44
C GLY A 158 -6.64 5.82 -17.09
N ILE A 159 -5.38 5.43 -16.97
CA ILE A 159 -4.82 4.99 -15.70
C ILE A 159 -4.90 6.09 -14.66
N VAL A 160 -4.48 7.30 -15.05
CA VAL A 160 -4.53 8.43 -14.14
C VAL A 160 -5.98 8.68 -13.71
N ASN A 161 -6.90 8.65 -14.67
CA ASN A 161 -8.30 8.83 -14.36
C ASN A 161 -8.85 7.75 -13.41
N ASP A 162 -8.41 6.51 -13.55
CA ASP A 162 -8.86 5.46 -12.67
C ASP A 162 -8.40 5.71 -11.23
N PHE A 163 -7.17 6.16 -11.03
CA PHE A 163 -6.74 6.55 -9.68
C PHE A 163 -7.59 7.71 -9.18
N ARG A 164 -7.84 8.71 -10.02
CA ARG A 164 -8.67 9.84 -9.63
C ARG A 164 -10.06 9.41 -9.18
N GLN A 165 -10.69 8.56 -9.98
CA GLN A 165 -12.03 8.08 -9.71
C GLN A 165 -12.07 7.24 -8.44
N ALA A 166 -11.05 6.42 -8.21
CA ALA A 166 -10.99 5.59 -7.02
C ALA A 166 -10.87 6.48 -5.78
N VAL A 167 -10.16 7.60 -5.87
CA VAL A 167 -10.07 8.54 -4.76
C VAL A 167 -11.41 9.23 -4.52
N ALA A 168 -12.10 9.61 -5.59
CA ALA A 168 -13.47 10.12 -5.42
C ALA A 168 -14.35 9.09 -4.69
N ASN A 169 -14.21 7.83 -5.07
CA ASN A 169 -14.97 6.75 -4.43
C ASN A 169 -14.59 6.56 -2.97
N ALA A 170 -13.30 6.74 -2.67
CA ALA A 170 -12.81 6.63 -1.29
C ALA A 170 -13.44 7.69 -0.41
N ARG A 171 -13.55 8.90 -0.93
CA ARG A 171 -14.23 9.99 -0.23
C ARG A 171 -15.69 9.61 0.05
N GLU A 172 -16.40 9.12 -0.95
CA GLU A 172 -17.78 8.69 -0.74
C GLU A 172 -17.91 7.59 0.30
N ALA A 173 -16.93 6.69 0.30
CA ALA A 173 -16.98 5.53 1.18
C ALA A 173 -16.60 5.87 2.63
N GLY A 174 -16.12 7.07 2.88
CA GLY A 174 -15.85 7.50 4.24
C GLY A 174 -14.46 7.16 4.74
N PHE A 175 -13.50 6.88 3.83
CA PHE A 175 -12.10 6.76 4.29
C PHE A 175 -11.61 8.12 4.75
N ASP A 176 -10.68 8.10 5.70
CA ASP A 176 -10.06 9.32 6.18
C ASP A 176 -8.94 9.83 5.28
N LEU A 177 -8.23 8.91 4.65
CA LEU A 177 -7.08 9.20 3.79
C LEU A 177 -7.04 8.15 2.70
N VAL A 178 -6.21 8.40 1.68
CA VAL A 178 -5.85 7.41 0.67
C VAL A 178 -4.34 7.25 0.66
N GLU A 179 -3.87 6.04 0.42
CA GLU A 179 -2.45 5.76 0.22
C GLU A 179 -2.25 5.23 -1.18
N LEU A 180 -1.53 5.96 -2.02
CA LEU A 180 -1.19 5.48 -3.35
C LEU A 180 -0.10 4.40 -3.28
N HIS A 181 -0.34 3.26 -3.91
CA HIS A 181 0.60 2.17 -3.84
C HIS A 181 1.65 2.33 -4.93
N SER A 182 2.72 3.04 -4.61
CA SER A 182 3.82 3.29 -5.54
C SER A 182 5.06 2.44 -5.23
N ALA A 183 4.84 1.27 -4.64
CA ALA A 183 5.92 0.42 -4.14
C ALA A 183 5.78 -1.00 -4.68
N HIS A 184 6.75 -1.82 -4.30
CA HIS A 184 6.66 -3.29 -4.32
C HIS A 184 6.47 -3.90 -5.70
N GLY A 185 6.90 -3.19 -6.73
CA GLY A 185 6.85 -3.74 -8.05
C GLY A 185 5.48 -3.70 -8.70
N TYR A 186 4.51 -2.96 -8.16
CA TYR A 186 3.21 -2.81 -8.82
C TYR A 186 3.27 -1.69 -9.87
N LEU A 187 2.16 -1.29 -10.47
CA LEU A 187 2.23 -0.54 -11.73
C LEU A 187 3.04 0.75 -11.62
N LEU A 188 2.80 1.54 -10.57
CA LEU A 188 3.52 2.80 -10.46
C LEU A 188 5.01 2.57 -10.31
N HIS A 189 5.39 1.59 -9.50
CA HIS A 189 6.81 1.22 -9.35
C HIS A 189 7.40 0.61 -10.63
N GLN A 190 6.59 -0.10 -11.42
CA GLN A 190 7.03 -0.62 -12.72
C GLN A 190 7.48 0.50 -13.65
N PHE A 191 6.78 1.64 -13.60
CA PHE A 191 7.22 2.83 -14.35
C PHE A 191 8.46 3.48 -13.70
N LEU A 192 8.49 3.54 -12.37
CA LEU A 192 9.62 4.19 -11.69
C LEU A 192 10.95 3.50 -11.92
N SER A 193 10.94 2.18 -11.98
CA SER A 193 12.19 1.42 -12.01
C SER A 193 12.73 1.22 -13.41
N PRO A 194 14.03 1.51 -13.67
CA PRO A 194 14.61 1.15 -14.96
C PRO A 194 14.58 -0.35 -15.26
N SER A 195 14.55 -1.20 -14.24
CA SER A 195 14.55 -2.64 -14.48
C SER A 195 13.29 -3.12 -15.17
N SER A 196 12.18 -2.42 -14.94
CA SER A 196 10.88 -2.82 -15.49
C SER A 196 10.38 -1.85 -16.55
N ASN A 197 11.08 -0.75 -16.77
CA ASN A 197 10.64 0.25 -17.71
C ASN A 197 11.71 0.46 -18.77
N GLN A 198 11.46 -0.05 -19.97
CA GLN A 198 12.36 0.14 -21.11
C GLN A 198 11.73 1.06 -22.16
N ARG A 199 10.74 1.84 -21.76
CA ARG A 199 10.08 2.74 -22.70
C ARG A 199 11.05 3.81 -23.20
N THR A 200 10.80 4.27 -24.42
CA THR A 200 11.59 5.33 -25.02
C THR A 200 10.75 6.55 -25.36
N ASP A 201 9.56 6.65 -24.78
CA ASP A 201 8.73 7.84 -24.86
C ASP A 201 8.87 8.66 -23.57
N GLN A 202 7.95 9.58 -23.34
CA GLN A 202 8.06 10.50 -22.22
C GLN A 202 7.80 9.83 -20.87
N TYR A 203 7.49 8.53 -20.87
CA TYR A 203 7.26 7.78 -19.64
C TYR A 203 8.37 6.79 -19.33
N GLY A 204 9.50 6.84 -20.05
CA GLY A 204 10.67 6.07 -19.68
C GLY A 204 11.97 6.78 -19.97
N GLY A 205 13.06 6.18 -19.52
CA GLY A 205 14.39 6.70 -19.75
C GLY A 205 14.86 7.44 -18.50
N SER A 206 14.81 8.76 -18.55
CA SER A 206 15.28 9.59 -17.45
C SER A 206 14.41 9.40 -16.21
N VAL A 207 14.95 9.77 -15.06
CA VAL A 207 14.15 9.69 -13.83
C VAL A 207 12.91 10.59 -13.93
N GLU A 208 13.04 11.75 -14.59
CA GLU A 208 11.87 12.63 -14.73
C GLU A 208 10.76 11.90 -15.49
N ASN A 209 11.13 11.20 -16.54
CA ASN A 209 10.17 10.43 -17.31
C ASN A 209 9.60 9.25 -16.56
N ARG A 210 10.44 8.55 -15.81
CA ARG A 210 10.00 7.38 -15.06
CA ARG A 210 9.99 7.37 -15.08
C ARG A 210 9.05 7.73 -13.91
N ALA A 211 9.26 8.90 -13.33
CA ALA A 211 8.39 9.42 -12.26
C ALA A 211 7.16 10.16 -12.78
N ARG A 212 7.08 10.36 -14.09
CA ARG A 212 6.02 11.18 -14.67
C ARG A 212 4.64 10.64 -14.31
N LEU A 213 4.41 9.34 -14.48
CA LEU A 213 3.10 8.77 -14.20
C LEU A 213 2.71 8.94 -12.74
N VAL A 214 3.58 8.59 -11.81
CA VAL A 214 3.18 8.69 -10.42
CA VAL A 214 3.18 8.70 -10.40
C VAL A 214 2.88 10.15 -10.05
N LEU A 215 3.64 11.10 -10.60
CA LEU A 215 3.37 12.50 -10.25
C LEU A 215 2.09 13.01 -10.91
N GLU A 216 1.76 12.51 -12.09
CA GLU A 216 0.45 12.82 -12.69
C GLU A 216 -0.67 12.29 -11.81
N VAL A 217 -0.49 11.08 -11.28
CA VAL A 217 -1.48 10.51 -10.39
C VAL A 217 -1.61 11.33 -9.09
N VAL A 218 -0.49 11.69 -8.47
CA VAL A 218 -0.53 12.53 -7.28
C VAL A 218 -1.27 13.84 -7.57
N ASP A 219 -0.95 14.50 -8.68
CA ASP A 219 -1.62 15.76 -8.98
C ASP A 219 -3.10 15.54 -9.19
N ALA A 220 -3.48 14.47 -9.89
CA ALA A 220 -4.90 14.21 -10.14
C ALA A 220 -5.67 13.98 -8.87
N VAL A 221 -5.10 13.22 -7.94
CA VAL A 221 -5.84 12.88 -6.74
C VAL A 221 -5.89 14.03 -5.73
N CYS A 222 -4.83 14.85 -5.69
CA CYS A 222 -4.86 16.06 -4.86
C CYS A 222 -5.94 17.01 -5.37
N ASN A 223 -6.04 17.13 -6.70
CA ASN A 223 -7.06 17.99 -7.29
C ASN A 223 -8.47 17.45 -7.04
N GLU A 224 -8.61 16.13 -7.08
CA GLU A 224 -9.92 15.51 -6.87
C GLU A 224 -10.43 15.76 -5.45
N TRP A 225 -9.57 15.49 -4.46
CA TRP A 225 -9.96 15.63 -3.07
C TRP A 225 -9.15 16.79 -2.47
N SER A 226 -8.11 16.51 -1.73
CA SER A 226 -7.27 17.53 -1.13
C SER A 226 -5.92 16.89 -0.86
N ALA A 227 -4.85 17.68 -0.93
CA ALA A 227 -3.51 17.14 -0.67
C ALA A 227 -3.38 16.55 0.73
N ASP A 228 -4.09 17.12 1.71
CA ASP A 228 -4.02 16.62 3.07
C ASP A 228 -4.80 15.32 3.30
N ARG A 229 -5.35 14.76 2.23
CA ARG A 229 -5.98 13.45 2.26
C ARG A 229 -5.13 12.36 1.60
N ILE A 230 -3.98 12.75 1.05
CA ILE A 230 -3.20 11.86 0.18
C ILE A 230 -1.88 11.47 0.85
N GLY A 231 -1.65 10.16 0.95
CA GLY A 231 -0.36 9.60 1.24
C GLY A 231 0.13 8.79 0.08
N ILE A 232 1.41 8.42 0.13
CA ILE A 232 2.00 7.57 -0.90
C ILE A 232 2.97 6.60 -0.26
N ARG A 233 2.93 5.35 -0.69
CA ARG A 233 3.89 4.35 -0.28
C ARG A 233 4.90 4.12 -1.39
N VAL A 234 6.17 4.20 -1.03
CA VAL A 234 7.28 3.97 -1.92
C VAL A 234 8.19 2.90 -1.32
N SER A 235 8.93 2.22 -2.19
CA SER A 235 9.98 1.28 -1.77
C SER A 235 11.18 1.54 -2.67
N PRO A 236 11.82 2.70 -2.48
CA PRO A 236 12.74 3.23 -3.50
C PRO A 236 14.22 2.85 -3.34
N ILE A 237 14.56 2.13 -2.29
CA ILE A 237 15.94 1.68 -2.02
C ILE A 237 15.88 0.19 -1.80
N GLY A 238 16.61 -0.53 -2.64
CA GLY A 238 16.64 -1.98 -2.55
C GLY A 238 15.81 -2.64 -3.63
N THR A 239 15.65 -3.94 -3.50
CA THR A 239 14.88 -4.74 -4.45
C THR A 239 13.63 -5.29 -3.78
N PHE A 240 12.50 -5.19 -4.47
CA PHE A 240 11.20 -5.63 -3.96
C PHE A 240 10.52 -6.43 -5.04
N GLN A 241 10.18 -7.69 -4.74
CA GLN A 241 9.55 -8.57 -5.73
C GLN A 241 10.22 -8.50 -7.09
N ASN A 242 11.54 -8.60 -7.09
CA ASN A 242 12.34 -8.65 -8.31
C ASN A 242 12.44 -7.32 -9.05
N VAL A 243 11.98 -6.24 -8.44
CA VAL A 243 12.09 -4.91 -9.03
C VAL A 243 13.09 -4.13 -8.19
N ASP A 244 14.27 -3.90 -8.76
CA ASP A 244 15.24 -3.02 -8.12
C ASP A 244 14.92 -1.57 -8.47
N ASN A 245 15.74 -0.67 -7.96
CA ASN A 245 15.50 0.75 -8.17
C ASN A 245 16.56 1.40 -9.06
N GLY A 246 17.31 0.58 -9.79
CA GLY A 246 18.23 1.05 -10.79
C GLY A 246 19.54 1.45 -10.19
N PRO A 247 20.45 1.89 -11.04
CA PRO A 247 21.83 2.17 -10.64
C PRO A 247 22.07 3.51 -9.95
N ASN A 248 21.04 4.35 -9.86
CA ASN A 248 21.11 5.63 -9.19
C ASN A 248 19.97 5.76 -8.19
N GLU A 249 19.75 4.70 -7.43
CA GLU A 249 18.52 4.63 -6.62
C GLU A 249 18.39 5.76 -5.59
N GLU A 250 19.48 6.14 -4.94
CA GLU A 250 19.37 7.18 -3.93
C GLU A 250 19.02 8.54 -4.55
N ALA A 251 19.77 8.94 -5.59
CA ALA A 251 19.49 10.22 -6.23
C ALA A 251 18.08 10.23 -6.81
N ASP A 252 17.67 9.13 -7.40
CA ASP A 252 16.35 9.05 -8.00
C ASP A 252 15.25 9.12 -6.95
N ALA A 253 15.48 8.51 -5.78
CA ALA A 253 14.53 8.56 -4.68
C ALA A 253 14.37 10.01 -4.20
N LEU A 254 15.50 10.70 -4.05
CA LEU A 254 15.48 12.07 -3.54
C LEU A 254 14.81 13.01 -4.53
N TYR A 255 14.98 12.77 -5.83
CA TYR A 255 14.26 13.52 -6.84
C TYR A 255 12.76 13.35 -6.65
N LEU A 256 12.31 12.12 -6.55
CA LEU A 256 10.88 11.85 -6.41
C LEU A 256 10.33 12.51 -5.16
N ILE A 257 11.06 12.39 -4.05
CA ILE A 257 10.59 12.92 -2.78
C ILE A 257 10.51 14.46 -2.84
N GLU A 258 11.49 15.11 -3.46
CA GLU A 258 11.44 16.55 -3.65
C GLU A 258 10.23 16.94 -4.47
N GLU A 259 9.89 16.16 -5.49
CA GLU A 259 8.71 16.45 -6.29
C GLU A 259 7.44 16.24 -5.49
N LEU A 260 7.37 15.18 -4.71
CA LEU A 260 6.19 14.93 -3.88
C LEU A 260 5.97 16.06 -2.88
N ALA A 261 7.06 16.58 -2.32
CA ALA A 261 6.98 17.65 -1.33
C ALA A 261 6.30 18.88 -1.91
N LYS A 262 6.48 19.15 -3.19
CA LYS A 262 5.89 20.33 -3.84
C LYS A 262 4.36 20.27 -3.82
N ARG A 263 3.80 19.08 -3.74
CA ARG A 263 2.35 18.90 -3.69
C ARG A 263 1.77 19.02 -2.27
N GLY A 264 2.61 19.02 -1.25
CA GLY A 264 2.13 19.23 0.10
C GLY A 264 1.22 18.11 0.60
N ILE A 265 1.51 16.88 0.20
CA ILE A 265 0.70 15.72 0.59
C ILE A 265 0.89 15.37 2.04
N ALA A 266 -0.05 14.59 2.56
CA ALA A 266 -0.10 14.28 3.99
C ALA A 266 1.10 13.47 4.48
N TYR A 267 1.50 12.45 3.74
CA TYR A 267 2.54 11.57 4.23
C TYR A 267 3.26 10.82 3.15
N LEU A 268 4.47 10.39 3.52
CA LEU A 268 5.37 9.56 2.74
C LEU A 268 5.61 8.30 3.58
N HIS A 269 5.23 7.14 3.03
CA HIS A 269 5.35 5.87 3.73
C HIS A 269 6.43 5.08 3.01
N MET A 270 7.53 4.84 3.71
CA MET A 270 8.69 4.14 3.14
C MET A 270 8.71 2.70 3.60
N SER A 271 8.51 1.80 2.65
CA SER A 271 8.69 0.38 2.86
C SER A 271 10.16 0.08 2.64
N GLU A 272 10.86 -0.26 3.70
CA GLU A 272 12.32 -0.23 3.72
C GLU A 272 12.95 -1.49 3.20
N THR A 273 12.27 -2.61 3.35
CA THR A 273 12.80 -3.93 2.97
C THR A 273 11.71 -4.87 2.47
N ASP A 274 12.09 -5.72 1.53
CA ASP A 274 11.31 -6.86 1.10
C ASP A 274 11.26 -7.84 2.28
N LEU A 275 10.20 -8.60 2.34
CA LEU A 275 10.01 -9.65 3.34
C LEU A 275 11.14 -10.68 3.31
N ALA A 276 11.78 -10.86 2.16
CA ALA A 276 12.88 -11.81 2.03
C ALA A 276 14.22 -11.20 2.38
N GLY A 277 14.23 -9.92 2.72
CA GLY A 277 15.41 -9.26 3.24
C GLY A 277 15.89 -8.13 2.35
N GLY A 278 16.67 -7.24 2.93
CA GLY A 278 17.30 -6.13 2.24
C GLY A 278 18.26 -5.40 3.18
N LYS A 279 19.05 -4.50 2.63
CA LYS A 279 20.00 -3.73 3.40
C LYS A 279 19.31 -2.59 4.15
N PRO A 280 19.77 -2.29 5.36
CA PRO A 280 19.18 -1.21 6.16
C PRO A 280 19.37 0.18 5.56
N TYR A 281 18.41 1.07 5.83
CA TYR A 281 18.57 2.50 5.53
C TYR A 281 19.63 3.06 6.46
N SER A 282 20.51 3.90 5.92
CA SER A 282 21.44 4.65 6.74
C SER A 282 20.73 5.86 7.36
N GLU A 283 21.20 6.32 8.52
CA GLU A 283 20.64 7.51 9.15
C GLU A 283 20.90 8.73 8.25
N ALA A 284 22.00 8.71 7.51
CA ALA A 284 22.31 9.80 6.57
C ALA A 284 21.25 9.89 5.49
N PHE A 285 20.81 8.75 4.95
CA PHE A 285 19.75 8.75 3.95
C PHE A 285 18.46 9.23 4.57
N ARG A 286 18.15 8.76 5.77
CA ARG A 286 16.96 9.24 6.46
C ARG A 286 16.97 10.75 6.65
N GLN A 287 18.13 11.31 6.93
CA GLN A 287 18.26 12.75 7.09
C GLN A 287 18.03 13.48 5.75
N LYS A 288 18.53 12.92 4.66
CA LYS A 288 18.30 13.50 3.34
C LYS A 288 16.82 13.47 2.97
N VAL A 289 16.11 12.40 3.35
CA VAL A 289 14.68 12.33 3.09
C VAL A 289 13.97 13.39 3.92
N ARG A 290 14.34 13.49 5.19
CA ARG A 290 13.71 14.39 6.12
C ARG A 290 13.83 15.83 5.65
N GLU A 291 14.98 16.22 5.09
CA GLU A 291 15.11 17.62 4.71
C GLU A 291 14.39 17.93 3.37
N ARG A 292 13.92 16.89 2.67
CA ARG A 292 13.19 17.07 1.43
C ARG A 292 11.70 16.91 1.52
N PHE A 293 11.17 16.40 2.62
CA PHE A 293 9.75 16.16 2.73
C PHE A 293 9.26 16.76 4.02
N HIS A 294 8.13 17.47 3.96
CA HIS A 294 7.63 18.31 5.05
C HIS A 294 6.33 17.82 5.67
N GLY A 295 5.92 16.62 5.29
CA GLY A 295 4.80 15.95 5.90
C GLY A 295 5.26 14.78 6.78
N VAL A 296 4.33 13.93 7.13
CA VAL A 296 4.62 12.80 7.99
C VAL A 296 5.42 11.75 7.23
N ILE A 297 6.39 11.14 7.90
CA ILE A 297 7.16 10.03 7.36
C ILE A 297 6.88 8.80 8.21
N ILE A 298 6.38 7.76 7.54
CA ILE A 298 6.11 6.46 8.16
C ILE A 298 7.18 5.50 7.70
N GLY A 299 7.80 4.78 8.63
CA GLY A 299 8.71 3.68 8.30
C GLY A 299 8.07 2.32 8.50
N ALA A 300 8.50 1.36 7.69
CA ALA A 300 8.00 -0.01 7.80
C ALA A 300 9.03 -0.98 7.31
N GLY A 301 8.95 -2.21 7.84
CA GLY A 301 9.77 -3.33 7.38
C GLY A 301 10.52 -3.94 8.54
N ALA A 302 9.92 -4.96 9.14
CA ALA A 302 10.52 -5.70 10.26
C ALA A 302 10.88 -4.80 11.44
N TYR A 303 10.11 -3.75 11.66
CA TYR A 303 10.35 -2.90 12.83
C TYR A 303 9.98 -3.61 14.13
N THR A 304 10.71 -3.26 15.17
CA THR A 304 10.26 -3.51 16.53
C THR A 304 9.88 -2.18 17.16
N ALA A 305 9.18 -2.22 18.28
CA ALA A 305 8.86 -1.01 19.01
C ALA A 305 10.15 -0.30 19.41
N GLU A 306 11.18 -1.04 19.79
CA GLU A 306 12.45 -0.43 20.16
C GLU A 306 13.06 0.39 19.01
N LYS A 307 13.06 -0.17 17.81
CA LYS A 307 13.60 0.53 16.66
C LYS A 307 12.74 1.77 16.33
N ALA A 308 11.43 1.61 16.42
CA ALA A 308 10.51 2.72 16.19
C ALA A 308 10.76 3.87 17.15
N GLU A 309 10.84 3.57 18.44
CA GLU A 309 11.07 4.60 19.44
C GLU A 309 12.40 5.29 19.20
N ASP A 310 13.42 4.52 18.83
CA ASP A 310 14.74 5.08 18.56
C ASP A 310 14.68 6.10 17.43
N LEU A 311 14.05 5.73 16.31
CA LEU A 311 14.06 6.61 15.14
C LEU A 311 13.08 7.79 15.29
N ILE A 312 11.97 7.59 15.97
CA ILE A 312 11.06 8.70 16.28
C ILE A 312 11.73 9.67 17.25
N GLY A 313 12.42 9.16 18.26
CA GLY A 313 13.13 9.98 19.22
C GLY A 313 14.26 10.77 18.60
N LYS A 314 14.87 10.22 17.55
CA LYS A 314 15.93 10.89 16.80
C LYS A 314 15.39 11.90 15.79
N GLY A 315 14.06 11.99 15.67
CA GLY A 315 13.43 12.95 14.79
C GLY A 315 13.47 12.59 13.32
N LEU A 316 13.75 11.34 13.00
CA LEU A 316 13.97 10.92 11.62
C LEU A 316 12.71 10.39 10.92
N ILE A 317 11.82 9.78 11.69
CA ILE A 317 10.50 9.37 11.19
C ILE A 317 9.47 9.79 12.23
N ASP A 318 8.20 9.78 11.85
CA ASP A 318 7.12 10.16 12.75
C ASP A 318 6.28 9.01 13.25
N ALA A 319 6.21 7.93 12.49
CA ALA A 319 5.35 6.79 12.84
C ALA A 319 5.92 5.54 12.21
N VAL A 320 5.48 4.41 12.72
CA VAL A 320 5.87 3.10 12.21
C VAL A 320 4.63 2.31 11.88
N ALA A 321 4.67 1.65 10.71
CA ALA A 321 3.63 0.71 10.34
C ALA A 321 4.13 -0.69 10.58
N PHE A 322 3.40 -1.41 11.42
CA PHE A 322 3.65 -2.82 11.70
C PHE A 322 2.70 -3.66 10.87
N GLY A 323 3.24 -4.69 10.24
CA GLY A 323 2.47 -5.60 9.41
C GLY A 323 2.10 -6.86 10.16
N ARG A 324 3.01 -7.82 10.22
CA ARG A 324 2.71 -9.13 10.80
C ARG A 324 2.35 -9.06 12.28
N ASP A 325 2.95 -8.15 13.04
CA ASP A 325 2.52 -8.01 14.43
C ASP A 325 1.07 -7.54 14.53
N TYR A 326 0.60 -6.75 13.56
CA TYR A 326 -0.80 -6.33 13.54
C TYR A 326 -1.74 -7.44 13.09
N ILE A 327 -1.28 -8.28 12.16
CA ILE A 327 -2.08 -9.48 11.84
C ILE A 327 -2.38 -10.23 13.14
N ALA A 328 -1.35 -10.44 13.96
CA ALA A 328 -1.46 -11.34 15.10
C ALA A 328 -1.92 -10.68 16.39
N ASN A 329 -2.01 -9.36 16.45
CA ASN A 329 -2.29 -8.65 17.71
C ASN A 329 -3.23 -7.50 17.43
N PRO A 330 -4.54 -7.72 17.58
CA PRO A 330 -5.47 -6.64 17.25
C PRO A 330 -5.27 -5.39 18.12
N ASP A 331 -4.90 -5.64 19.37
CA ASP A 331 -4.61 -4.61 20.36
C ASP A 331 -3.11 -4.39 20.48
N LEU A 332 -2.41 -4.36 19.35
CA LEU A 332 -0.98 -4.13 19.37
C LEU A 332 -0.62 -2.87 20.15
N VAL A 333 -1.38 -1.80 20.01
CA VAL A 333 -1.07 -0.57 20.74
C VAL A 333 -0.99 -0.84 22.24
N ALA A 334 -2.04 -1.44 22.80
CA ALA A 334 -2.07 -1.72 24.24
C ALA A 334 -0.93 -2.65 24.64
N ARG A 335 -0.67 -3.66 23.82
CA ARG A 335 0.41 -4.60 24.15
C ARG A 335 1.77 -3.91 24.17
N LEU A 336 2.04 -3.06 23.19
CA LEU A 336 3.32 -2.35 23.21
C LEU A 336 3.37 -1.34 24.35
N GLN A 337 2.27 -0.67 24.65
CA GLN A 337 2.26 0.32 25.72
C GLN A 337 2.52 -0.33 27.09
N LYS A 338 1.97 -1.53 27.28
CA LYS A 338 2.08 -2.26 28.55
C LYS A 338 3.28 -3.22 28.60
N LYS A 339 4.04 -3.29 27.51
CA LYS A 339 5.15 -4.23 27.37
C LYS A 339 4.70 -5.69 27.58
N ALA A 340 3.52 -6.00 27.06
CA ALA A 340 2.97 -7.35 27.12
C ALA A 340 3.53 -8.21 26.00
N GLU A 341 3.51 -9.51 26.21
CA GLU A 341 3.86 -10.46 25.16
C GLU A 341 2.89 -10.33 24.00
N LEU A 342 3.39 -10.67 22.82
CA LEU A 342 2.59 -10.68 21.60
C LEU A 342 2.12 -12.11 21.32
N ASN A 343 0.98 -12.22 20.66
CA ASN A 343 0.51 -13.52 20.18
C ASN A 343 1.44 -14.08 19.10
N PRO A 344 1.55 -15.42 19.03
CA PRO A 344 2.29 -16.04 17.93
C PRO A 344 1.62 -15.83 16.58
N GLN A 345 2.41 -15.70 15.53
CA GLN A 345 1.89 -15.58 14.17
C GLN A 345 1.63 -16.94 13.55
N ARG A 346 0.61 -16.97 12.70
CA ARG A 346 0.24 -18.15 11.93
C ARG A 346 0.32 -17.81 10.45
N PRO A 347 1.51 -17.80 9.86
CA PRO A 347 1.65 -17.37 8.46
C PRO A 347 0.88 -18.23 7.46
N GLU A 348 0.55 -19.47 7.81
CA GLU A 348 -0.25 -20.31 6.94
C GLU A 348 -1.62 -19.72 6.60
N SER A 349 -2.13 -18.85 7.45
CA SER A 349 -3.44 -18.23 7.24
C SER A 349 -3.34 -16.72 6.92
N PHE A 350 -2.16 -16.25 6.50
CA PHE A 350 -2.11 -14.88 6.06
C PHE A 350 -3.00 -14.65 4.83
N TYR A 351 -3.00 -15.57 3.87
CA TYR A 351 -3.69 -15.35 2.59
C TYR A 351 -4.84 -16.32 2.39
N GLY A 352 -6.02 -15.78 2.09
CA GLY A 352 -7.18 -16.60 1.80
C GLY A 352 -7.79 -17.21 3.04
N GLY A 353 -8.79 -18.06 2.82
CA GLY A 353 -9.49 -18.69 3.93
C GLY A 353 -10.58 -17.84 4.51
N GLY A 354 -10.76 -17.97 5.82
CA GLY A 354 -11.85 -17.36 6.55
C GLY A 354 -11.42 -16.77 7.86
N ALA A 355 -12.26 -16.93 8.87
CA ALA A 355 -12.03 -16.32 10.18
C ALA A 355 -10.76 -16.83 10.84
N GLU A 356 -10.43 -18.10 10.62
CA GLU A 356 -9.27 -18.68 11.28
C GLU A 356 -8.00 -18.00 10.78
N GLY A 357 -7.19 -17.54 11.72
CA GLY A 357 -6.00 -16.78 11.39
C GLY A 357 -6.27 -15.37 10.91
N TYR A 358 -7.48 -14.87 11.19
CA TYR A 358 -7.90 -13.55 10.71
C TYR A 358 -8.53 -12.74 11.83
N THR A 359 -9.67 -13.20 12.35
CA THR A 359 -10.36 -12.53 13.45
C THR A 359 -10.24 -13.26 14.79
N ASP A 360 -9.46 -14.35 14.84
CA ASP A 360 -9.38 -15.19 16.04
C ASP A 360 -8.10 -14.96 16.83
N TYR A 361 -7.27 -13.99 16.47
CA TYR A 361 -6.18 -13.61 17.35
C TYR A 361 -6.74 -12.76 18.50
N PRO A 362 -6.49 -13.16 19.75
CA PRO A 362 -7.14 -12.48 20.88
C PRO A 362 -6.49 -11.17 21.30
N SER A 363 -7.30 -10.29 21.87
CA SER A 363 -6.80 -9.16 22.62
C SER A 363 -6.46 -9.58 24.04
N LEU A 364 -5.72 -8.74 24.75
CA LEU A 364 -5.50 -8.91 26.18
C LEU A 364 -6.81 -8.95 26.96
#